data_2FAQ
#
_entry.id   2FAQ
#
_cell.length_a   71.632
_cell.length_b   204.197
_cell.length_c   44.152
_cell.angle_alpha   90.00
_cell.angle_beta   90.00
_cell.angle_gamma   90.00
#
_symmetry.space_group_name_H-M   'P 21 21 2'
#
loop_
_entity.id
_entity.type
_entity.pdbx_description
1 polymer 'probable ATP-dependent DNA ligase'
2 non-polymer 'MANGANESE (II) ION'
3 non-polymer 'SULFATE ION'
4 non-polymer "ADENOSINE-5'-TRIPHOSPHATE"
5 water water
#
_entity_poly.entity_id   1
_entity_poly.type   'polypeptide(L)'
_entity_poly.pdbx_seq_one_letter_code
;MGARKASAGASRAATAGVRISHPQRLIDPSIQASKLELAEFHARYADLLLRDLRERPVSLVRGPDGIGGELFFQKHAARL
KIPGIVQLDPALDPGHPPLLQIRSAEALVGAVQMGSIEFHTWNASLANLERPDRFVLDLDPDPALPWKRMLEATQLSLTL
LDELGLRAFLKTSGGKGMHLLVPLERRHGWDEVKDFAQAISQHLARLMPERFSAVSGPRNRVGKIFVDYLRNSRGASTVA
AYSVRAREGLPVSVPVFREELDSLQGANQWNLRSLPQRLDELAGDDPWADYAGTRQRISAAMRRQLGRG
;
_entity_poly.pdbx_strand_id   A,B
#
loop_
_chem_comp.id
_chem_comp.type
_chem_comp.name
_chem_comp.formula
ATP non-polymer ADENOSINE-5'-TRIPHOSPHATE 'C10 H16 N5 O13 P3'
MN non-polymer 'MANGANESE (II) ION' 'Mn 2'
SO4 non-polymer 'SULFATE ION' 'O4 S -2'
#
# COMPACT_ATOMS: atom_id res chain seq x y z
N ARG A 12 6.40 -32.98 10.47
CA ARG A 12 6.57 -31.77 9.60
C ARG A 12 7.24 -32.19 8.29
N ALA A 13 7.12 -33.47 7.94
CA ALA A 13 7.73 -33.98 6.72
C ALA A 13 7.17 -33.35 5.46
N ALA A 14 5.94 -32.83 5.54
CA ALA A 14 5.32 -32.21 4.38
C ALA A 14 5.43 -30.70 4.41
N THR A 15 6.10 -30.16 5.43
CA THR A 15 6.29 -28.71 5.54
C THR A 15 7.74 -28.34 5.76
N ALA A 16 8.63 -29.05 5.08
CA ALA A 16 10.06 -28.80 5.16
C ALA A 16 10.59 -28.67 6.59
N GLY A 17 10.05 -29.48 7.49
CA GLY A 17 10.46 -29.47 8.88
C GLY A 17 10.00 -28.30 9.73
N VAL A 18 9.17 -27.43 9.14
CA VAL A 18 8.69 -26.26 9.85
C VAL A 18 7.35 -26.46 10.56
N ARG A 19 7.27 -26.01 11.81
CA ARG A 19 6.03 -26.13 12.57
C ARG A 19 5.10 -25.01 12.13
N ILE A 20 3.86 -25.38 11.80
CA ILE A 20 2.88 -24.40 11.35
C ILE A 20 1.83 -24.12 12.43
N SER A 21 1.81 -22.90 12.94
CA SER A 21 0.83 -22.51 13.96
C SER A 21 -0.50 -22.21 13.26
N HIS A 22 -1.61 -22.39 13.99
CA HIS A 22 -2.95 -22.18 13.44
C HIS A 22 -3.04 -22.74 12.03
N PRO A 23 -2.66 -24.02 11.86
CA PRO A 23 -2.69 -24.68 10.55
C PRO A 23 -4.04 -24.59 9.83
N GLN A 24 -5.12 -24.61 10.60
CA GLN A 24 -6.44 -24.58 9.99
C GLN A 24 -7.05 -23.22 9.66
N ARG A 25 -6.39 -22.11 10.01
CA ARG A 25 -7.00 -20.82 9.65
C ARG A 25 -7.05 -20.71 8.14
N LEU A 26 -8.12 -20.11 7.62
CA LEU A 26 -8.28 -20.00 6.18
C LEU A 26 -7.56 -18.87 5.47
N ILE A 27 -6.83 -19.23 4.42
CA ILE A 27 -6.14 -18.24 3.60
C ILE A 27 -7.17 -17.73 2.59
N ASP A 28 -7.95 -18.64 2.03
CA ASP A 28 -8.98 -18.27 1.07
C ASP A 28 -10.22 -19.12 1.35
N PRO A 29 -11.24 -18.53 1.99
CA PRO A 29 -12.49 -19.24 2.32
C PRO A 29 -13.29 -19.71 1.11
N SER A 30 -13.14 -19.02 -0.02
CA SER A 30 -13.88 -19.37 -1.23
C SER A 30 -13.60 -20.77 -1.72
N ILE A 31 -12.40 -21.27 -1.44
CA ILE A 31 -12.02 -22.60 -1.87
C ILE A 31 -11.60 -23.45 -0.68
N GLN A 32 -11.81 -22.91 0.52
CA GLN A 32 -11.45 -23.58 1.77
C GLN A 32 -9.98 -23.99 1.82
N ALA A 33 -9.10 -23.07 1.44
CA ALA A 33 -7.67 -23.32 1.46
C ALA A 33 -7.11 -22.82 2.80
N SER A 34 -6.51 -23.72 3.57
CA SER A 34 -5.94 -23.39 4.87
C SER A 34 -4.48 -22.96 4.81
N LYS A 35 -4.01 -22.43 5.92
CA LYS A 35 -2.63 -21.99 6.04
C LYS A 35 -1.72 -23.20 5.89
N LEU A 36 -2.14 -24.33 6.46
CA LEU A 36 -1.34 -25.55 6.34
C LEU A 36 -1.24 -25.99 4.88
N GLU A 37 -2.35 -25.89 4.13
CA GLU A 37 -2.30 -26.30 2.73
C GLU A 37 -1.32 -25.42 1.97
N LEU A 38 -1.33 -24.13 2.30
CA LEU A 38 -0.45 -23.17 1.64
C LEU A 38 1.01 -23.50 1.98
N ALA A 39 1.28 -23.83 3.24
CA ALA A 39 2.65 -24.18 3.63
C ALA A 39 3.10 -25.44 2.89
N GLU A 40 2.23 -26.44 2.84
CA GLU A 40 2.56 -27.70 2.17
C GLU A 40 2.81 -27.51 0.68
N PHE A 41 2.13 -26.54 0.07
CA PHE A 41 2.32 -26.24 -1.35
C PHE A 41 3.73 -25.70 -1.57
N HIS A 42 4.16 -24.81 -0.69
CA HIS A 42 5.49 -24.23 -0.82
C HIS A 42 6.60 -25.22 -0.52
N ALA A 43 6.31 -26.18 0.34
CA ALA A 43 7.30 -27.19 0.66
C ALA A 43 7.42 -28.10 -0.58
N ARG A 44 6.29 -28.57 -1.08
CA ARG A 44 6.29 -29.47 -2.24
C ARG A 44 6.91 -28.85 -3.49
N TYR A 45 6.62 -27.58 -3.75
CA TYR A 45 7.16 -26.93 -4.94
C TYR A 45 8.27 -25.92 -4.64
N ALA A 46 8.93 -26.10 -3.50
CA ALA A 46 10.02 -25.20 -3.14
C ALA A 46 11.05 -25.12 -4.27
N ASP A 47 11.44 -26.26 -4.84
CA ASP A 47 12.43 -26.25 -5.92
C ASP A 47 12.00 -25.40 -7.12
N LEU A 48 10.71 -25.44 -7.47
CA LEU A 48 10.23 -24.64 -8.59
C LEU A 48 10.34 -23.15 -8.28
N LEU A 49 9.88 -22.74 -7.09
CA LEU A 49 9.97 -21.33 -6.71
C LEU A 49 11.41 -20.88 -6.59
N LEU A 50 12.28 -21.76 -6.08
CA LEU A 50 13.68 -21.42 -5.91
C LEU A 50 14.42 -21.18 -7.24
N ARG A 51 13.85 -21.68 -8.34
CA ARG A 51 14.47 -21.45 -9.64
C ARG A 51 14.59 -19.94 -9.82
N ASP A 52 13.70 -19.20 -9.18
CA ASP A 52 13.73 -17.74 -9.27
C ASP A 52 14.24 -17.06 -8.00
N LEU A 53 13.84 -17.56 -6.83
CA LEU A 53 14.24 -16.95 -5.57
C LEU A 53 15.63 -17.25 -5.04
N ARG A 54 16.18 -18.42 -5.36
CA ARG A 54 17.47 -18.83 -4.84
C ARG A 54 18.59 -17.80 -4.73
N GLU A 55 18.81 -17.02 -5.78
CA GLU A 55 19.89 -16.03 -5.78
C GLU A 55 19.44 -14.57 -5.87
N ARG A 56 18.17 -14.31 -5.61
CA ARG A 56 17.65 -12.93 -5.71
C ARG A 56 17.02 -12.43 -4.43
N PRO A 57 17.09 -11.10 -4.19
CA PRO A 57 16.49 -10.52 -2.99
C PRO A 57 14.98 -10.71 -3.24
N VAL A 58 14.21 -10.82 -2.16
CA VAL A 58 12.78 -11.04 -2.30
C VAL A 58 11.94 -10.14 -1.41
N SER A 59 10.80 -9.72 -1.92
CA SER A 59 9.85 -8.89 -1.18
C SER A 59 8.69 -9.85 -0.89
N LEU A 60 8.08 -9.72 0.27
CA LEU A 60 6.99 -10.59 0.67
C LEU A 60 5.65 -9.87 0.74
N VAL A 61 4.58 -10.58 0.40
CA VAL A 61 3.24 -10.03 0.52
C VAL A 61 2.64 -10.93 1.58
N ARG A 62 2.48 -10.38 2.78
CA ARG A 62 1.95 -11.12 3.91
C ARG A 62 0.49 -10.78 4.20
N GLY A 63 -0.30 -11.80 4.47
CA GLY A 63 -1.71 -11.62 4.77
C GLY A 63 -2.03 -12.39 6.03
N PRO A 64 -1.83 -11.77 7.21
CA PRO A 64 -2.08 -12.37 8.51
C PRO A 64 -3.50 -12.90 8.73
N ASP A 65 -4.45 -12.34 8.01
CA ASP A 65 -5.86 -12.72 8.13
C ASP A 65 -6.43 -13.29 6.83
N GLY A 66 -5.56 -13.78 5.95
CA GLY A 66 -6.03 -14.33 4.69
C GLY A 66 -6.31 -13.25 3.65
N ILE A 67 -6.75 -13.67 2.47
CA ILE A 67 -7.03 -12.72 1.40
C ILE A 67 -8.21 -11.83 1.72
N GLY A 68 -8.99 -12.20 2.73
CA GLY A 68 -10.14 -11.40 3.11
C GLY A 68 -9.72 -10.23 3.98
N GLY A 69 -8.48 -10.27 4.46
CA GLY A 69 -7.96 -9.19 5.28
C GLY A 69 -7.07 -8.31 4.42
N GLU A 70 -6.19 -7.54 5.05
CA GLU A 70 -5.29 -6.67 4.31
C GLU A 70 -3.93 -7.32 4.10
N LEU A 71 -3.16 -6.76 3.17
CA LEU A 71 -1.85 -7.30 2.86
C LEU A 71 -0.74 -6.33 3.23
N PHE A 72 0.36 -6.90 3.67
CA PHE A 72 1.55 -6.15 4.08
C PHE A 72 2.65 -6.48 3.08
N PHE A 73 3.12 -5.47 2.36
CA PHE A 73 4.20 -5.65 1.38
C PHE A 73 5.50 -5.30 2.10
N GLN A 74 6.28 -6.31 2.44
CA GLN A 74 7.52 -6.10 3.18
C GLN A 74 8.80 -6.33 2.39
N LYS A 75 9.71 -5.37 2.50
CA LYS A 75 11.00 -5.41 1.81
C LYS A 75 12.14 -5.65 2.78
N HIS A 76 12.04 -5.06 3.97
CA HIS A 76 13.08 -5.16 4.98
C HIS A 76 12.56 -5.73 6.30
N ALA A 77 13.45 -6.34 7.07
CA ALA A 77 13.09 -6.88 8.37
C ALA A 77 14.28 -6.81 9.32
N ALA A 78 14.04 -6.32 10.54
CA ALA A 78 15.09 -6.20 11.54
C ALA A 78 15.32 -7.51 12.29
N ARG A 79 14.23 -8.14 12.74
CA ARG A 79 14.31 -9.40 13.47
C ARG A 79 13.40 -10.48 12.90
N LEU A 80 13.86 -11.13 11.83
CA LEU A 80 13.08 -12.20 11.22
C LEU A 80 12.99 -13.36 12.18
N LYS A 81 11.99 -14.20 12.00
CA LYS A 81 11.82 -15.36 12.86
C LYS A 81 11.60 -16.57 11.96
N ILE A 82 12.20 -16.50 10.77
CA ILE A 82 12.12 -17.56 9.77
C ILE A 82 13.45 -18.28 9.73
N PRO A 83 13.54 -19.45 10.38
CA PRO A 83 14.79 -20.22 10.40
C PRO A 83 15.30 -20.49 8.99
N GLY A 84 16.39 -19.81 8.63
CA GLY A 84 16.95 -20.01 7.32
C GLY A 84 16.94 -18.77 6.44
N ILE A 85 16.03 -17.84 6.73
CA ILE A 85 15.94 -16.63 5.94
C ILE A 85 17.27 -15.86 6.03
N VAL A 86 17.75 -15.35 4.89
CA VAL A 86 19.02 -14.62 4.88
C VAL A 86 18.80 -13.10 4.91
N GLN A 87 19.47 -12.42 5.83
CA GLN A 87 19.38 -10.96 5.92
C GLN A 87 20.55 -10.37 5.16
N LEU A 88 20.26 -9.53 4.17
CA LEU A 88 21.30 -8.92 3.37
C LEU A 88 21.95 -7.71 4.05
N ASP A 89 23.05 -7.24 3.48
CA ASP A 89 23.78 -6.10 4.00
C ASP A 89 23.02 -4.78 3.88
N PRO A 90 22.85 -4.06 5.00
CA PRO A 90 22.14 -2.77 5.02
C PRO A 90 22.72 -1.76 4.03
N ALA A 91 24.03 -1.86 3.76
CA ALA A 91 24.67 -0.94 2.83
C ALA A 91 24.01 -0.99 1.46
N LEU A 92 23.26 -2.06 1.20
CA LEU A 92 22.57 -2.20 -0.08
C LEU A 92 21.39 -1.24 -0.17
N ASP A 93 20.88 -0.80 0.99
CA ASP A 93 19.74 0.10 1.02
C ASP A 93 19.80 0.87 2.35
N PRO A 94 20.72 1.84 2.47
CA PRO A 94 20.92 2.66 3.66
C PRO A 94 19.67 3.32 4.20
N GLY A 95 19.55 3.33 5.53
CA GLY A 95 18.39 3.93 6.17
C GLY A 95 17.25 2.98 6.40
N HIS A 96 17.47 1.71 6.09
CA HIS A 96 16.43 0.71 6.24
C HIS A 96 17.00 -0.56 6.85
N PRO A 97 16.15 -1.42 7.44
CA PRO A 97 16.64 -2.68 8.02
C PRO A 97 17.11 -3.51 6.84
N PRO A 98 17.73 -4.67 7.10
CA PRO A 98 18.25 -5.56 6.06
C PRO A 98 17.21 -6.08 5.05
N LEU A 99 17.61 -6.18 3.78
CA LEU A 99 16.74 -6.74 2.75
C LEU A 99 16.67 -8.22 3.07
N LEU A 100 15.88 -8.96 2.30
CA LEU A 100 15.66 -10.38 2.55
C LEU A 100 15.97 -11.30 1.37
N GLN A 101 16.37 -12.54 1.67
CA GLN A 101 16.66 -13.53 0.63
C GLN A 101 16.29 -14.93 1.14
N ILE A 102 15.59 -15.69 0.29
CA ILE A 102 15.15 -17.04 0.62
C ILE A 102 15.87 -18.01 -0.31
N ARG A 103 16.70 -18.88 0.28
CA ARG A 103 17.49 -19.83 -0.52
C ARG A 103 17.18 -21.30 -0.27
N SER A 104 16.15 -21.60 0.51
CA SER A 104 15.83 -22.98 0.83
C SER A 104 14.35 -23.22 1.09
N ALA A 105 13.94 -24.48 1.03
CA ALA A 105 12.56 -24.82 1.29
C ALA A 105 12.18 -24.45 2.73
N GLU A 106 13.10 -24.65 3.68
CA GLU A 106 12.84 -24.31 5.08
C GLU A 106 12.55 -22.82 5.24
N ALA A 107 13.35 -22.00 4.59
CA ALA A 107 13.17 -20.56 4.68
C ALA A 107 11.85 -20.17 4.02
N LEU A 108 11.57 -20.76 2.85
CA LEU A 108 10.35 -20.48 2.11
C LEU A 108 9.11 -20.81 2.95
N VAL A 109 9.07 -22.02 3.51
CA VAL A 109 7.94 -22.43 4.34
C VAL A 109 7.90 -21.59 5.61
N GLY A 110 9.07 -21.23 6.14
CA GLY A 110 9.10 -20.41 7.33
C GLY A 110 8.42 -19.07 7.06
N ALA A 111 8.61 -18.55 5.84
CA ALA A 111 8.00 -17.27 5.47
C ALA A 111 6.48 -17.43 5.48
N VAL A 112 5.99 -18.54 4.93
CA VAL A 112 4.55 -18.81 4.90
C VAL A 112 4.03 -18.91 6.34
N GLN A 113 4.78 -19.58 7.20
CA GLN A 113 4.40 -19.72 8.60
C GLN A 113 4.21 -18.34 9.22
N MET A 114 4.96 -17.36 8.74
CA MET A 114 4.82 -16.01 9.28
C MET A 114 3.85 -15.11 8.51
N GLY A 115 2.98 -15.71 7.71
CA GLY A 115 1.98 -14.93 6.99
C GLY A 115 2.19 -14.64 5.51
N SER A 116 3.35 -15.00 4.98
CA SER A 116 3.64 -14.74 3.57
C SER A 116 2.74 -15.55 2.65
N ILE A 117 2.25 -14.89 1.60
CA ILE A 117 1.41 -15.55 0.61
C ILE A 117 2.06 -15.41 -0.77
N GLU A 118 2.60 -14.23 -1.07
CA GLU A 118 3.25 -13.98 -2.36
C GLU A 118 4.72 -13.64 -2.19
N PHE A 119 5.52 -14.01 -3.20
CA PHE A 119 6.94 -13.75 -3.20
C PHE A 119 7.28 -13.04 -4.50
N HIS A 120 7.92 -11.88 -4.38
CA HIS A 120 8.31 -11.08 -5.55
C HIS A 120 9.82 -10.88 -5.53
N THR A 121 10.48 -11.10 -6.66
CA THR A 121 11.93 -10.97 -6.71
C THR A 121 12.46 -9.79 -7.52
N TRP A 122 13.68 -9.37 -7.17
CA TRP A 122 14.40 -8.28 -7.84
C TRP A 122 14.87 -8.76 -9.20
N ASN A 123 15.15 -7.81 -10.11
CA ASN A 123 15.65 -8.14 -11.44
C ASN A 123 17.17 -8.24 -11.43
N ALA A 124 17.73 -8.54 -10.26
CA ALA A 124 19.17 -8.70 -10.12
C ALA A 124 19.45 -9.85 -9.15
N SER A 125 20.63 -10.45 -9.26
CA SER A 125 20.99 -11.56 -8.40
C SER A 125 22.19 -11.20 -7.53
N LEU A 126 22.36 -11.94 -6.43
CA LEU A 126 23.45 -11.67 -5.48
C LEU A 126 24.84 -11.58 -6.10
N ALA A 127 25.02 -12.13 -7.29
CA ALA A 127 26.30 -12.07 -7.97
C ALA A 127 26.72 -10.61 -8.11
N ASN A 128 25.75 -9.75 -8.44
CA ASN A 128 25.99 -8.32 -8.59
C ASN A 128 24.64 -7.59 -8.59
N LEU A 129 24.27 -7.05 -7.44
CA LEU A 129 22.99 -6.35 -7.34
C LEU A 129 22.99 -4.96 -7.97
N GLU A 130 24.13 -4.57 -8.53
CA GLU A 130 24.21 -3.26 -9.18
C GLU A 130 24.12 -3.38 -10.70
N ARG A 131 23.96 -4.62 -11.18
CA ARG A 131 23.84 -4.90 -12.61
C ARG A 131 22.71 -5.90 -12.83
N PRO A 132 21.52 -5.42 -13.22
CA PRO A 132 20.37 -6.31 -13.45
C PRO A 132 20.67 -7.43 -14.43
N ASP A 133 20.10 -8.61 -14.18
CA ASP A 133 20.30 -9.73 -15.09
C ASP A 133 19.02 -10.01 -15.89
N ARG A 134 18.10 -9.05 -15.89
CA ARG A 134 16.87 -9.16 -16.64
C ARG A 134 16.04 -7.87 -16.53
N PHE A 135 15.06 -7.75 -17.40
CA PHE A 135 14.14 -6.63 -17.33
C PHE A 135 12.78 -7.28 -17.55
N VAL A 136 11.74 -6.64 -17.06
CA VAL A 136 10.40 -7.20 -17.18
C VAL A 136 9.43 -6.21 -17.77
N LEU A 137 8.51 -6.72 -18.58
CA LEU A 137 7.48 -5.91 -19.18
C LEU A 137 6.18 -6.53 -18.66
N ASP A 138 5.39 -5.74 -17.95
CA ASP A 138 4.14 -6.23 -17.39
C ASP A 138 2.97 -5.56 -18.12
N LEU A 139 2.20 -6.36 -18.86
CA LEU A 139 1.06 -5.82 -19.59
C LEU A 139 -0.16 -5.68 -18.69
N ASP A 140 -0.52 -4.42 -18.40
CA ASP A 140 -1.66 -4.08 -17.56
C ASP A 140 -2.79 -3.56 -18.42
N PRO A 141 -3.88 -4.34 -18.55
CA PRO A 141 -5.05 -3.97 -19.35
C PRO A 141 -6.12 -3.20 -18.60
N ASP A 142 -7.07 -2.67 -19.35
CA ASP A 142 -8.20 -1.96 -18.76
C ASP A 142 -9.02 -3.05 -18.07
N PRO A 143 -9.52 -2.78 -16.86
CA PRO A 143 -10.31 -3.74 -16.09
C PRO A 143 -11.58 -4.24 -16.79
N ALA A 144 -11.80 -3.78 -18.02
CA ALA A 144 -12.97 -4.19 -18.79
C ALA A 144 -12.61 -4.54 -20.23
N LEU A 145 -11.32 -4.68 -20.50
CA LEU A 145 -10.88 -5.00 -21.85
C LEU A 145 -10.97 -6.50 -22.09
N PRO A 146 -11.48 -6.92 -23.26
CA PRO A 146 -11.62 -8.32 -23.61
C PRO A 146 -10.28 -9.05 -23.55
N TRP A 147 -10.30 -10.30 -23.08
CA TRP A 147 -9.08 -11.09 -22.97
C TRP A 147 -8.34 -11.21 -24.29
N LYS A 148 -9.08 -11.33 -25.39
CA LYS A 148 -8.44 -11.45 -26.71
C LYS A 148 -7.49 -10.27 -26.96
N ARG A 149 -7.80 -9.12 -26.40
CA ARG A 149 -6.96 -7.94 -26.57
C ARG A 149 -5.59 -8.16 -25.94
N MET A 150 -5.57 -8.81 -24.77
CA MET A 150 -4.32 -9.08 -24.07
C MET A 150 -3.49 -10.05 -24.89
N LEU A 151 -4.13 -11.08 -25.43
CA LEU A 151 -3.44 -12.07 -26.26
C LEU A 151 -2.82 -11.38 -27.46
N GLU A 152 -3.60 -10.55 -28.15
CA GLU A 152 -3.09 -9.85 -29.33
C GLU A 152 -1.95 -8.90 -28.95
N ALA A 153 -2.07 -8.25 -27.79
CA ALA A 153 -1.03 -7.32 -27.33
C ALA A 153 0.24 -8.09 -26.97
N THR A 154 0.09 -9.29 -26.41
CA THR A 154 1.26 -10.07 -26.03
C THR A 154 1.97 -10.54 -27.29
N GLN A 155 1.21 -10.98 -28.29
CA GLN A 155 1.79 -11.44 -29.55
C GLN A 155 2.58 -10.30 -30.23
N LEU A 156 2.00 -9.11 -30.24
CA LEU A 156 2.65 -7.96 -30.85
C LEU A 156 3.93 -7.56 -30.11
N SER A 157 3.91 -7.70 -28.79
CA SER A 157 5.08 -7.38 -27.98
C SER A 157 6.20 -8.37 -28.27
N LEU A 158 5.85 -9.65 -28.38
CA LEU A 158 6.85 -10.68 -28.68
C LEU A 158 7.46 -10.45 -30.06
N THR A 159 6.65 -10.00 -31.00
CA THR A 159 7.13 -9.74 -32.35
C THR A 159 8.19 -8.66 -32.35
N LEU A 160 7.95 -7.60 -31.57
CA LEU A 160 8.91 -6.51 -31.47
C LEU A 160 10.21 -7.05 -30.86
N LEU A 161 10.09 -7.81 -29.77
CA LEU A 161 11.26 -8.37 -29.11
C LEU A 161 12.07 -9.26 -30.07
N ASP A 162 11.38 -10.00 -30.94
CA ASP A 162 12.09 -10.84 -31.91
C ASP A 162 12.84 -9.99 -32.92
N GLU A 163 12.24 -8.88 -33.34
CA GLU A 163 12.89 -8.00 -34.30
C GLU A 163 14.14 -7.39 -33.69
N LEU A 164 14.09 -7.15 -32.39
CA LEU A 164 15.23 -6.58 -31.68
C LEU A 164 16.31 -7.63 -31.43
N GLY A 165 15.94 -8.90 -31.54
CA GLY A 165 16.89 -9.97 -31.32
C GLY A 165 16.99 -10.44 -29.87
N LEU A 166 15.94 -10.20 -29.09
CA LEU A 166 15.93 -10.61 -27.69
C LEU A 166 14.98 -11.77 -27.43
N ARG A 167 15.47 -12.76 -26.69
CA ARG A 167 14.65 -13.92 -26.32
C ARG A 167 13.81 -13.48 -25.12
N ALA A 168 12.52 -13.81 -25.13
CA ALA A 168 11.61 -13.43 -24.05
C ALA A 168 10.93 -14.65 -23.45
N PHE A 169 10.66 -14.61 -22.15
CA PHE A 169 10.01 -15.72 -21.48
C PHE A 169 8.73 -15.19 -20.83
N LEU A 170 7.59 -15.76 -21.20
CA LEU A 170 6.34 -15.28 -20.66
C LEU A 170 5.69 -16.16 -19.60
N LYS A 171 4.87 -15.51 -18.78
CA LYS A 171 4.13 -16.21 -17.76
C LYS A 171 2.87 -15.44 -17.45
N THR A 172 1.84 -16.15 -17.00
CA THR A 172 0.61 -15.46 -16.63
C THR A 172 0.98 -14.79 -15.31
N SER A 173 0.32 -13.68 -14.99
CA SER A 173 0.61 -12.97 -13.73
C SER A 173 -0.16 -13.57 -12.56
N GLY A 174 -1.24 -14.27 -12.89
CA GLY A 174 -2.08 -14.87 -11.87
C GLY A 174 -3.18 -13.87 -11.58
N GLY A 175 -3.06 -12.69 -12.18
CA GLY A 175 -4.04 -11.65 -11.98
C GLY A 175 -4.87 -11.40 -13.22
N LYS A 176 -4.52 -10.35 -13.96
CA LYS A 176 -5.27 -10.03 -15.17
C LYS A 176 -4.39 -9.79 -16.39
N GLY A 177 -3.08 -9.92 -16.22
CA GLY A 177 -2.19 -9.68 -17.36
C GLY A 177 -1.08 -10.70 -17.58
N MET A 178 -0.21 -10.41 -18.55
CA MET A 178 0.91 -11.27 -18.90
C MET A 178 2.23 -10.59 -18.56
N HIS A 179 3.21 -11.37 -18.12
CA HIS A 179 4.53 -10.85 -17.78
C HIS A 179 5.56 -11.37 -18.76
N LEU A 180 6.44 -10.48 -19.23
CA LEU A 180 7.49 -10.86 -20.17
C LEU A 180 8.85 -10.63 -19.52
N LEU A 181 9.60 -11.71 -19.30
CA LEU A 181 10.93 -11.60 -18.71
C LEU A 181 12.00 -11.75 -19.77
N VAL A 182 12.93 -10.80 -19.79
CA VAL A 182 14.01 -10.81 -20.76
C VAL A 182 15.35 -10.79 -20.04
N PRO A 183 16.05 -11.94 -20.02
CA PRO A 183 17.36 -12.00 -19.35
C PRO A 183 18.39 -11.12 -20.05
N LEU A 184 19.39 -10.69 -19.27
CA LEU A 184 20.44 -9.84 -19.81
C LEU A 184 21.76 -10.12 -19.10
N GLU A 185 22.85 -10.05 -19.86
CA GLU A 185 24.17 -10.25 -19.27
C GLU A 185 24.37 -9.06 -18.33
N ARG A 186 25.10 -9.28 -17.24
CA ARG A 186 25.34 -8.24 -16.26
C ARG A 186 26.37 -7.23 -16.77
N ARG A 187 25.99 -6.45 -17.77
CA ARG A 187 26.88 -5.46 -18.37
C ARG A 187 26.29 -4.05 -18.36
N HIS A 188 25.10 -3.92 -17.77
CA HIS A 188 24.42 -2.63 -17.72
C HIS A 188 24.00 -2.25 -16.32
N GLY A 189 23.91 -0.94 -16.07
CA GLY A 189 23.49 -0.47 -14.76
C GLY A 189 21.97 -0.40 -14.70
N TRP A 190 21.43 -0.15 -13.53
CA TRP A 190 19.99 -0.07 -13.37
C TRP A 190 19.29 0.93 -14.27
N ASP A 191 19.79 2.16 -14.32
CA ASP A 191 19.19 3.19 -15.15
C ASP A 191 19.14 2.81 -16.63
N GLU A 192 20.23 2.26 -17.15
CA GLU A 192 20.29 1.87 -18.55
C GLU A 192 19.22 0.84 -18.90
N VAL A 193 19.05 -0.17 -18.05
CA VAL A 193 18.07 -1.19 -18.32
C VAL A 193 16.64 -0.65 -18.23
N LYS A 194 16.38 0.16 -17.21
CA LYS A 194 15.04 0.74 -17.05
C LYS A 194 14.72 1.63 -18.24
N ASP A 195 15.68 2.44 -18.67
CA ASP A 195 15.46 3.33 -19.81
C ASP A 195 15.22 2.52 -21.10
N PHE A 196 15.89 1.37 -21.21
CA PHE A 196 15.73 0.51 -22.37
C PHE A 196 14.30 -0.05 -22.34
N ALA A 197 13.84 -0.49 -21.17
CA ALA A 197 12.49 -1.02 -21.04
C ALA A 197 11.46 0.06 -21.36
N GLN A 198 11.70 1.28 -20.87
CA GLN A 198 10.78 2.37 -21.15
C GLN A 198 10.75 2.67 -22.65
N ALA A 199 11.91 2.59 -23.30
CA ALA A 199 12.00 2.83 -24.74
C ALA A 199 11.12 1.86 -25.54
N ILE A 200 11.06 0.61 -25.07
CA ILE A 200 10.25 -0.40 -25.71
C ILE A 200 8.77 -0.07 -25.53
N SER A 201 8.39 0.30 -24.31
CA SER A 201 7.02 0.66 -24.02
C SER A 201 6.58 1.83 -24.92
N GLN A 202 7.38 2.89 -24.91
CA GLN A 202 7.08 4.08 -25.71
C GLN A 202 7.00 3.75 -27.20
N HIS A 203 7.86 2.84 -27.67
CA HIS A 203 7.87 2.45 -29.06
C HIS A 203 6.54 1.79 -29.44
N LEU A 204 6.08 0.86 -28.62
CA LEU A 204 4.81 0.18 -28.89
C LEU A 204 3.64 1.17 -28.83
N ALA A 205 3.74 2.16 -27.95
CA ALA A 205 2.69 3.17 -27.80
C ALA A 205 2.62 4.10 -29.02
N ARG A 206 3.76 4.30 -29.68
CA ARG A 206 3.81 5.14 -30.86
C ARG A 206 3.32 4.39 -32.09
N LEU A 207 3.67 3.11 -32.18
CA LEU A 207 3.26 2.31 -33.33
C LEU A 207 1.76 2.04 -33.33
N MET A 208 1.21 1.69 -32.18
CA MET A 208 -0.21 1.38 -32.05
C MET A 208 -0.81 2.07 -30.83
N PRO A 209 -1.02 3.39 -30.91
CA PRO A 209 -1.60 4.14 -29.79
C PRO A 209 -3.00 3.70 -29.39
N GLU A 210 -3.67 2.98 -30.27
CA GLU A 210 -5.01 2.51 -29.94
C GLU A 210 -4.98 1.25 -29.09
N ARG A 211 -3.81 0.61 -29.00
CA ARG A 211 -3.66 -0.61 -28.21
C ARG A 211 -2.76 -0.43 -26.99
N PHE A 212 -1.63 0.25 -27.19
CA PHE A 212 -0.64 0.45 -26.15
C PHE A 212 -0.49 1.85 -25.57
N SER A 213 -0.06 1.88 -24.31
CA SER A 213 0.16 3.12 -23.58
C SER A 213 1.47 2.96 -22.83
N ALA A 214 2.27 4.03 -22.78
CA ALA A 214 3.55 3.99 -22.08
C ALA A 214 3.50 4.86 -20.83
N VAL A 215 2.30 5.26 -20.43
CA VAL A 215 2.13 6.10 -19.25
C VAL A 215 1.32 5.38 -18.18
N SER A 216 1.85 5.36 -16.96
CA SER A 216 1.18 4.69 -15.84
C SER A 216 -0.11 5.36 -15.43
N GLY A 217 -0.94 4.63 -14.69
CA GLY A 217 -2.22 5.17 -14.25
C GLY A 217 -3.39 4.66 -15.06
N PRO A 218 -4.41 4.10 -14.41
CA PRO A 218 -5.58 3.59 -15.12
C PRO A 218 -6.25 4.64 -16.02
N ARG A 219 -6.13 5.91 -15.65
CA ARG A 219 -6.73 6.97 -16.45
C ARG A 219 -5.95 7.20 -17.74
N ASN A 220 -4.77 6.60 -17.82
CA ASN A 220 -3.93 6.75 -19.01
C ASN A 220 -3.89 5.49 -19.87
N ARG A 221 -4.87 4.59 -19.66
CA ARG A 221 -4.95 3.37 -20.43
C ARG A 221 -6.39 2.89 -20.59
N VAL A 222 -7.32 3.83 -20.68
CA VAL A 222 -8.73 3.47 -20.84
C VAL A 222 -8.93 2.76 -22.17
N GLY A 223 -9.38 1.51 -22.11
CA GLY A 223 -9.60 0.73 -23.32
C GLY A 223 -8.29 0.34 -23.99
N LYS A 224 -7.19 0.44 -23.26
CA LYS A 224 -5.88 0.10 -23.80
C LYS A 224 -5.08 -0.74 -22.81
N ILE A 225 -3.85 -1.07 -23.20
CA ILE A 225 -2.98 -1.85 -22.34
C ILE A 225 -1.69 -1.08 -22.06
N PHE A 226 -1.34 -0.98 -20.79
CA PHE A 226 -0.14 -0.28 -20.38
C PHE A 226 1.05 -1.24 -20.28
N VAL A 227 2.10 -0.99 -21.07
CA VAL A 227 3.30 -1.81 -21.04
C VAL A 227 4.12 -1.26 -19.89
N ASP A 228 3.86 -1.80 -18.70
CA ASP A 228 4.54 -1.34 -17.50
C ASP A 228 6.02 -1.70 -17.47
N TYR A 229 6.86 -0.68 -17.38
CA TYR A 229 8.30 -0.86 -17.35
C TYR A 229 8.86 -0.40 -16.00
N LEU A 230 8.00 0.15 -15.15
CA LEU A 230 8.39 0.68 -13.85
C LEU A 230 8.94 -0.32 -12.84
N ARG A 231 8.68 -1.62 -13.04
CA ARG A 231 9.18 -2.62 -12.12
C ARG A 231 10.66 -2.92 -12.36
N ASN A 232 11.29 -2.11 -13.20
CA ASN A 232 12.70 -2.31 -13.48
C ASN A 232 13.57 -1.34 -12.67
N SER A 233 12.95 -0.69 -11.69
CA SER A 233 13.67 0.23 -10.84
C SER A 233 14.39 -0.60 -9.77
N ARG A 234 15.53 -0.11 -9.29
CA ARG A 234 16.27 -0.83 -8.26
C ARG A 234 15.38 -0.92 -7.03
N GLY A 235 15.24 -2.12 -6.48
CA GLY A 235 14.39 -2.28 -5.31
C GLY A 235 13.00 -2.76 -5.66
N ALA A 236 12.60 -2.61 -6.92
CA ALA A 236 11.28 -3.06 -7.35
C ALA A 236 11.33 -4.58 -7.52
N SER A 237 10.18 -5.19 -7.75
CA SER A 237 10.15 -6.64 -7.92
C SER A 237 8.93 -7.11 -8.69
N THR A 238 8.96 -8.37 -9.10
CA THR A 238 7.85 -8.96 -9.85
C THR A 238 7.56 -10.33 -9.26
N VAL A 239 6.28 -10.69 -9.21
CA VAL A 239 5.90 -11.97 -8.65
C VAL A 239 6.69 -13.10 -9.30
N ALA A 240 7.16 -14.03 -8.49
CA ALA A 240 7.95 -15.16 -8.97
C ALA A 240 7.16 -16.21 -9.71
N ALA A 241 7.77 -16.80 -10.72
CA ALA A 241 7.13 -17.87 -11.49
C ALA A 241 6.78 -18.96 -10.50
N TYR A 242 5.56 -19.47 -10.63
CA TYR A 242 5.01 -20.53 -9.80
C TYR A 242 4.58 -20.10 -8.40
N SER A 243 4.62 -18.80 -8.14
CA SER A 243 4.20 -18.34 -6.81
C SER A 243 2.70 -18.05 -6.82
N VAL A 244 2.10 -18.12 -5.64
CA VAL A 244 0.66 -17.91 -5.48
C VAL A 244 0.31 -16.41 -5.32
N ARG A 245 -0.89 -16.04 -5.77
CA ARG A 245 -1.36 -14.66 -5.66
C ARG A 245 -2.42 -14.62 -4.55
N ALA A 246 -2.39 -13.56 -3.74
CA ALA A 246 -3.34 -13.39 -2.64
C ALA A 246 -4.66 -12.85 -3.17
N ARG A 247 -5.32 -13.67 -3.97
CA ARG A 247 -6.60 -13.32 -4.60
C ARG A 247 -7.52 -14.52 -4.61
N GLU A 248 -8.80 -14.29 -4.88
CA GLU A 248 -9.78 -15.38 -4.90
C GLU A 248 -9.35 -16.55 -5.76
N GLY A 249 -9.46 -17.76 -5.19
CA GLY A 249 -9.08 -18.96 -5.90
C GLY A 249 -7.60 -19.26 -5.85
N LEU A 250 -6.84 -18.37 -5.21
CA LEU A 250 -5.38 -18.50 -5.10
C LEU A 250 -4.71 -18.88 -6.43
N PRO A 251 -4.87 -18.02 -7.45
CA PRO A 251 -4.24 -18.32 -8.74
C PRO A 251 -2.71 -18.28 -8.63
N VAL A 252 -2.02 -18.89 -9.59
CA VAL A 252 -0.57 -18.93 -9.58
C VAL A 252 -0.02 -18.31 -10.88
N SER A 253 1.17 -17.71 -10.80
CA SER A 253 1.82 -17.11 -11.98
C SER A 253 2.53 -18.26 -12.69
N VAL A 254 2.07 -18.58 -13.89
CA VAL A 254 2.60 -19.74 -14.63
C VAL A 254 3.31 -19.48 -15.96
N PRO A 255 4.58 -19.93 -16.08
CA PRO A 255 5.34 -19.77 -17.32
C PRO A 255 4.62 -20.53 -18.43
N VAL A 256 4.57 -19.98 -19.63
CA VAL A 256 3.89 -20.68 -20.73
C VAL A 256 4.67 -20.55 -22.03
N PHE A 257 4.43 -21.48 -22.95
CA PHE A 257 5.06 -21.46 -24.27
C PHE A 257 4.35 -20.42 -25.11
N ARG A 258 5.08 -19.80 -26.04
CA ARG A 258 4.47 -18.80 -26.91
C ARG A 258 3.40 -19.50 -27.75
N GLU A 259 3.64 -20.78 -28.07
CA GLU A 259 2.71 -21.56 -28.88
C GLU A 259 1.36 -21.78 -28.24
N GLU A 260 1.29 -21.77 -26.91
CA GLU A 260 0.01 -21.99 -26.23
C GLU A 260 -0.63 -20.67 -25.81
N LEU A 261 -0.02 -19.57 -26.20
CA LEU A 261 -0.53 -18.25 -25.85
C LEU A 261 -1.98 -18.04 -26.29
N ASP A 262 -2.26 -18.25 -27.57
CA ASP A 262 -3.62 -18.06 -28.06
C ASP A 262 -4.65 -19.04 -27.52
N SER A 263 -4.19 -20.07 -26.82
CA SER A 263 -5.09 -21.07 -26.23
C SER A 263 -5.47 -20.68 -24.79
N LEU A 264 -4.78 -19.70 -24.23
CA LEU A 264 -5.08 -19.27 -22.87
C LEU A 264 -6.40 -18.52 -22.81
N GLN A 265 -7.09 -18.63 -21.68
CA GLN A 265 -8.38 -17.96 -21.53
C GLN A 265 -8.35 -16.87 -20.46
N GLY A 266 -7.35 -16.91 -19.60
CA GLY A 266 -7.23 -15.91 -18.55
C GLY A 266 -5.88 -15.95 -17.86
N ALA A 267 -5.51 -14.85 -17.21
CA ALA A 267 -4.23 -14.78 -16.51
C ALA A 267 -4.27 -15.58 -15.21
N ASN A 268 -5.46 -16.00 -14.81
CA ASN A 268 -5.59 -16.75 -13.56
C ASN A 268 -6.23 -18.11 -13.80
N GLN A 269 -5.96 -18.72 -14.95
CA GLN A 269 -6.58 -20.00 -15.23
C GLN A 269 -6.02 -21.14 -14.39
N TRP A 270 -4.81 -20.97 -13.85
CA TRP A 270 -4.21 -21.98 -13.00
C TRP A 270 -4.15 -21.48 -11.56
N ASN A 271 -4.34 -22.40 -10.61
CA ASN A 271 -4.30 -22.05 -9.19
C ASN A 271 -3.44 -23.05 -8.41
N LEU A 272 -3.28 -22.83 -7.11
CA LEU A 272 -2.41 -23.74 -6.36
C LEU A 272 -2.85 -25.20 -6.43
N ARG A 273 -4.14 -25.46 -6.59
CA ARG A 273 -4.60 -26.83 -6.67
C ARG A 273 -4.59 -27.43 -8.08
N SER A 274 -4.59 -26.59 -9.11
CA SER A 274 -4.56 -27.10 -10.48
C SER A 274 -3.15 -27.16 -11.05
N LEU A 275 -2.19 -26.54 -10.36
CA LEU A 275 -0.81 -26.55 -10.82
C LEU A 275 -0.28 -27.98 -11.05
N PRO A 276 -0.56 -28.90 -10.12
CA PRO A 276 -0.10 -30.29 -10.27
C PRO A 276 -0.52 -30.87 -11.63
N GLN A 277 -1.77 -30.61 -12.02
CA GLN A 277 -2.29 -31.10 -13.28
C GLN A 277 -1.52 -30.48 -14.45
N ARG A 278 -1.23 -29.18 -14.34
CA ARG A 278 -0.47 -28.46 -15.36
C ARG A 278 0.89 -29.13 -15.56
N LEU A 279 1.58 -29.38 -14.45
CA LEU A 279 2.90 -30.00 -14.48
C LEU A 279 2.83 -31.44 -15.04
N ASP A 280 1.75 -32.15 -14.73
CA ASP A 280 1.60 -33.51 -15.24
C ASP A 280 1.34 -33.52 -16.74
N GLU A 281 0.55 -32.56 -17.21
CA GLU A 281 0.24 -32.46 -18.64
C GLU A 281 1.53 -32.15 -19.41
N LEU A 282 2.35 -31.28 -18.85
CA LEU A 282 3.62 -30.91 -19.48
C LEU A 282 4.55 -32.11 -19.50
N ALA A 283 4.55 -32.87 -18.42
CA ALA A 283 5.39 -34.07 -18.29
C ALA A 283 6.82 -33.83 -18.74
N GLY A 284 7.49 -32.88 -18.10
CA GLY A 284 8.87 -32.59 -18.47
C GLY A 284 9.03 -31.34 -19.32
N ASP A 285 8.12 -31.12 -20.26
CA ASP A 285 8.17 -29.94 -21.14
C ASP A 285 8.27 -28.68 -20.28
N ASP A 286 9.35 -27.92 -20.44
CA ASP A 286 9.54 -26.71 -19.66
C ASP A 286 9.56 -25.46 -20.54
N PRO A 287 8.53 -24.60 -20.41
CA PRO A 287 8.41 -23.36 -21.18
C PRO A 287 9.64 -22.47 -21.11
N TRP A 288 10.33 -22.50 -19.98
CA TRP A 288 11.52 -21.67 -19.77
C TRP A 288 12.82 -22.47 -19.79
N ALA A 289 12.82 -23.60 -20.50
CA ALA A 289 14.01 -24.45 -20.57
C ALA A 289 15.26 -23.70 -21.01
N ASP A 290 15.09 -22.73 -21.92
CA ASP A 290 16.24 -21.98 -22.42
C ASP A 290 16.58 -20.70 -21.66
N TYR A 291 15.89 -20.44 -20.56
CA TYR A 291 16.14 -19.23 -19.78
C TYR A 291 17.58 -19.08 -19.29
N ALA A 292 18.00 -20.01 -18.44
CA ALA A 292 19.34 -19.97 -17.87
C ALA A 292 20.49 -19.90 -18.87
N GLY A 293 20.29 -20.49 -20.04
CA GLY A 293 21.34 -20.50 -21.05
C GLY A 293 21.33 -19.30 -21.99
N THR A 294 20.34 -18.43 -21.84
CA THR A 294 20.23 -17.25 -22.69
C THR A 294 21.29 -16.21 -22.34
N ARG A 295 22.03 -15.78 -23.35
CA ARG A 295 23.08 -14.77 -23.18
C ARG A 295 22.81 -13.65 -24.19
N GLN A 296 22.39 -12.50 -23.68
CA GLN A 296 22.10 -11.37 -24.57
C GLN A 296 22.33 -10.05 -23.84
N ARG A 297 22.57 -8.99 -24.60
CA ARG A 297 22.83 -7.68 -24.01
C ARG A 297 22.20 -6.59 -24.87
N ILE A 298 22.04 -5.39 -24.30
CA ILE A 298 21.47 -4.26 -25.02
C ILE A 298 22.51 -3.80 -26.03
N SER A 299 22.12 -3.78 -27.30
CA SER A 299 23.05 -3.40 -28.36
C SER A 299 22.73 -2.07 -29.00
N ALA A 300 23.72 -1.50 -29.68
CA ALA A 300 23.53 -0.22 -30.36
C ALA A 300 22.42 -0.39 -31.40
N ALA A 301 22.41 -1.53 -32.08
CA ALA A 301 21.40 -1.80 -33.10
C ALA A 301 20.00 -1.78 -32.49
N MET A 302 19.85 -2.33 -31.28
CA MET A 302 18.57 -2.34 -30.59
C MET A 302 18.08 -0.93 -30.34
N ARG A 303 18.99 -0.07 -29.86
CA ARG A 303 18.61 1.30 -29.61
C ARG A 303 18.20 2.03 -30.88
N ARG A 304 18.85 1.69 -32.00
CA ARG A 304 18.53 2.31 -33.27
C ARG A 304 17.10 1.97 -33.66
N GLN A 305 16.74 0.71 -33.48
CA GLN A 305 15.40 0.25 -33.84
C GLN A 305 14.31 0.89 -32.99
N LEU A 306 14.68 1.37 -31.80
CA LEU A 306 13.71 2.01 -30.91
C LEU A 306 13.84 3.53 -30.94
N ARG B 12 4.05 -1.54 35.16
CA ARG B 12 3.38 -1.32 33.85
C ARG B 12 2.40 -0.15 33.93
N ALA B 13 2.42 0.54 35.08
CA ALA B 13 1.53 1.67 35.29
C ALA B 13 1.73 2.75 34.22
N ALA B 14 2.94 2.84 33.70
CA ALA B 14 3.27 3.84 32.68
C ALA B 14 2.74 3.44 31.30
N THR B 15 2.30 2.19 31.15
CA THR B 15 1.79 1.74 29.86
C THR B 15 0.38 1.14 29.95
N ALA B 16 -0.44 1.72 30.83
CA ALA B 16 -1.81 1.26 31.01
C ALA B 16 -1.87 -0.23 31.32
N GLY B 17 -0.87 -0.70 32.04
CA GLY B 17 -0.81 -2.10 32.43
C GLY B 17 -0.48 -3.07 31.30
N VAL B 18 -0.05 -2.54 30.16
CA VAL B 18 0.29 -3.39 29.02
C VAL B 18 1.78 -3.71 28.99
N ARG B 19 2.11 -4.99 28.87
CA ARG B 19 3.50 -5.43 28.82
C ARG B 19 4.06 -5.13 27.44
N ILE B 20 5.15 -4.37 27.39
CA ILE B 20 5.75 -4.00 26.13
C ILE B 20 6.97 -4.88 25.81
N SER B 21 6.87 -5.67 24.73
CA SER B 21 7.97 -6.52 24.31
C SER B 21 8.99 -5.66 23.55
N HIS B 22 10.25 -6.08 23.59
CA HIS B 22 11.32 -5.32 22.93
C HIS B 22 11.12 -3.83 23.11
N PRO B 23 11.02 -3.37 24.36
CA PRO B 23 10.80 -1.95 24.67
C PRO B 23 11.82 -1.00 24.05
N GLN B 24 13.08 -1.44 23.97
CA GLN B 24 14.15 -0.60 23.42
C GLN B 24 14.30 -0.56 21.90
N ARG B 25 13.55 -1.37 21.15
CA ARG B 25 13.72 -1.30 19.70
C ARG B 25 13.28 0.09 19.25
N LEU B 26 14.00 0.66 18.30
CA LEU B 26 13.70 2.02 17.85
C LEU B 26 12.57 2.19 16.84
N ILE B 27 11.65 3.09 17.16
CA ILE B 27 10.54 3.38 16.25
C ILE B 27 11.10 4.39 15.25
N ASP B 28 11.89 5.34 15.74
CA ASP B 28 12.49 6.37 14.89
C ASP B 28 13.92 6.63 15.36
N PRO B 29 14.91 6.04 14.68
CA PRO B 29 16.33 6.19 15.01
C PRO B 29 16.80 7.65 15.00
N SER B 30 16.23 8.45 14.10
CA SER B 30 16.63 9.86 13.98
C SER B 30 16.51 10.68 15.26
N ILE B 31 15.60 10.29 16.15
CA ILE B 31 15.43 11.01 17.40
C ILE B 31 15.56 10.08 18.60
N GLN B 32 15.97 8.84 18.34
CA GLN B 32 16.12 7.85 19.39
C GLN B 32 14.83 7.59 20.15
N ALA B 33 13.73 7.46 19.42
CA ALA B 33 12.43 7.20 20.01
C ALA B 33 12.21 5.70 20.03
N SER B 34 12.08 5.13 21.24
CA SER B 34 11.89 3.70 21.40
C SER B 34 10.43 3.30 21.37
N LYS B 35 10.18 2.01 21.21
CA LYS B 35 8.83 1.47 21.19
C LYS B 35 8.17 1.79 22.53
N LEU B 36 8.94 1.63 23.62
CA LEU B 36 8.42 1.91 24.95
C LEU B 36 7.97 3.36 25.07
N GLU B 37 8.77 4.30 24.58
CA GLU B 37 8.41 5.71 24.64
C GLU B 37 7.09 5.97 23.93
N LEU B 38 6.92 5.31 22.79
CA LEU B 38 5.69 5.44 22.02
C LEU B 38 4.51 4.87 22.81
N ALA B 39 4.72 3.76 23.49
CA ALA B 39 3.66 3.16 24.29
C ALA B 39 3.28 4.07 25.46
N GLU B 40 4.27 4.65 26.11
CA GLU B 40 3.99 5.53 27.24
C GLU B 40 3.26 6.81 26.82
N PHE B 41 3.58 7.29 25.62
CA PHE B 41 2.94 8.48 25.06
C PHE B 41 1.44 8.22 24.90
N HIS B 42 1.10 7.06 24.34
CA HIS B 42 -0.31 6.73 24.13
C HIS B 42 -1.07 6.50 25.43
N ALA B 43 -0.38 6.04 26.47
CA ALA B 43 -1.02 5.83 27.76
C ALA B 43 -1.25 7.18 28.41
N ARG B 44 -0.25 8.05 28.30
CA ARG B 44 -0.31 9.39 28.87
C ARG B 44 -1.36 10.29 28.21
N TYR B 45 -1.50 10.19 26.89
CA TYR B 45 -2.47 11.02 26.18
C TYR B 45 -3.60 10.23 25.54
N ALA B 46 -3.92 9.07 26.11
CA ALA B 46 -5.00 8.25 25.57
C ALA B 46 -6.29 9.04 25.41
N ASP B 47 -6.62 9.84 26.42
CA ASP B 47 -7.86 10.65 26.40
C ASP B 47 -7.97 11.55 25.17
N LEU B 48 -6.85 12.09 24.73
CA LEU B 48 -6.84 12.96 23.57
C LEU B 48 -7.21 12.20 22.30
N LEU B 49 -6.58 11.05 22.07
CA LEU B 49 -6.88 10.27 20.87
C LEU B 49 -8.28 9.67 20.94
N LEU B 50 -8.67 9.25 22.14
CA LEU B 50 -9.99 8.65 22.33
C LEU B 50 -11.12 9.63 22.05
N ARG B 51 -10.82 10.92 22.00
CA ARG B 51 -11.86 11.90 21.71
C ARG B 51 -12.43 11.59 20.33
N ASP B 52 -11.58 11.11 19.43
CA ASP B 52 -11.98 10.76 18.07
C ASP B 52 -12.18 9.26 17.86
N LEU B 53 -11.36 8.44 18.50
CA LEU B 53 -11.43 6.99 18.33
C LEU B 53 -12.56 6.24 19.04
N ARG B 54 -12.92 6.71 20.23
CA ARG B 54 -13.93 6.06 21.06
C ARG B 54 -15.17 5.48 20.38
N GLU B 55 -15.78 6.24 19.48
CA GLU B 55 -16.99 5.77 18.81
C GLU B 55 -16.87 5.61 17.29
N ARG B 56 -15.66 5.41 16.79
CA ARG B 56 -15.46 5.26 15.35
C ARG B 56 -14.62 4.04 15.01
N PRO B 57 -14.88 3.42 13.84
CA PRO B 57 -14.08 2.25 13.46
C PRO B 57 -12.68 2.84 13.21
N VAL B 58 -11.64 2.07 13.48
CA VAL B 58 -10.29 2.58 13.30
C VAL B 58 -9.44 1.68 12.41
N SER B 59 -8.61 2.31 11.58
CA SER B 59 -7.69 1.59 10.71
C SER B 59 -6.33 1.85 11.33
N LEU B 60 -5.52 0.80 11.38
CA LEU B 60 -4.20 0.87 12.00
C LEU B 60 -3.08 0.94 10.98
N VAL B 61 -2.05 1.71 11.31
CA VAL B 61 -0.86 1.80 10.47
C VAL B 61 0.21 1.19 11.37
N ARG B 62 0.60 -0.04 11.06
CA ARG B 62 1.57 -0.77 11.86
C ARG B 62 2.95 -0.83 11.21
N GLY B 63 3.99 -0.62 12.02
CA GLY B 63 5.35 -0.64 11.53
C GLY B 63 6.17 -1.55 12.42
N PRO B 64 6.24 -2.84 12.09
CA PRO B 64 6.99 -3.81 12.90
C PRO B 64 8.48 -3.52 13.03
N ASP B 65 9.04 -2.77 12.09
CA ASP B 65 10.46 -2.44 12.11
C ASP B 65 10.71 -0.94 12.22
N GLY B 66 9.71 -0.20 12.70
CA GLY B 66 9.87 1.23 12.83
C GLY B 66 9.61 1.95 11.51
N ILE B 67 9.83 3.26 11.48
CA ILE B 67 9.56 4.02 10.27
C ILE B 67 10.54 3.75 9.13
N GLY B 68 11.65 3.07 9.45
CA GLY B 68 12.64 2.74 8.44
C GLY B 68 12.23 1.49 7.68
N GLY B 69 11.27 0.77 8.22
CA GLY B 69 10.78 -0.43 7.57
C GLY B 69 9.50 -0.10 6.83
N GLU B 70 8.72 -1.13 6.47
CA GLU B 70 7.47 -0.94 5.76
C GLU B 70 6.29 -0.83 6.70
N LEU B 71 5.20 -0.26 6.19
CA LEU B 71 4.00 -0.08 6.99
C LEU B 71 2.85 -0.92 6.49
N PHE B 72 2.11 -1.49 7.42
CA PHE B 72 0.96 -2.33 7.11
C PHE B 72 -0.29 -1.54 7.52
N PHE B 73 -1.16 -1.27 6.54
CA PHE B 73 -2.41 -0.54 6.78
C PHE B 73 -3.48 -1.59 6.98
N GLN B 74 -3.90 -1.77 8.23
CA GLN B 74 -4.89 -2.79 8.58
C GLN B 74 -6.28 -2.29 8.96
N LYS B 75 -7.31 -2.85 8.33
CA LYS B 75 -8.69 -2.47 8.61
C LYS B 75 -9.45 -3.55 9.39
N HIS B 76 -9.12 -4.82 9.11
CA HIS B 76 -9.79 -5.96 9.76
C HIS B 76 -8.82 -6.90 10.46
N ALA B 77 -9.32 -7.63 11.45
CA ALA B 77 -8.50 -8.59 12.19
C ALA B 77 -9.36 -9.73 12.71
N ALA B 78 -8.95 -10.96 12.43
CA ALA B 78 -9.67 -12.16 12.86
C ALA B 78 -9.35 -12.51 14.30
N ARG B 79 -8.06 -12.47 14.66
CA ARG B 79 -7.60 -12.81 16.00
C ARG B 79 -6.78 -11.67 16.61
N LEU B 80 -7.16 -11.26 17.81
CA LEU B 80 -6.45 -10.18 18.48
C LEU B 80 -5.60 -10.71 19.62
N LYS B 81 -4.59 -9.94 19.99
CA LYS B 81 -3.71 -10.30 21.08
C LYS B 81 -3.74 -9.13 22.06
N ILE B 82 -4.60 -8.17 21.75
CA ILE B 82 -4.75 -6.95 22.56
C ILE B 82 -6.02 -6.98 23.40
N PRO B 83 -5.92 -7.46 24.65
CA PRO B 83 -7.08 -7.53 25.54
C PRO B 83 -7.69 -6.17 25.74
N GLY B 84 -8.58 -5.79 24.82
CA GLY B 84 -9.24 -4.51 24.93
C GLY B 84 -9.83 -4.03 23.62
N ILE B 85 -9.19 -4.33 22.50
CA ILE B 85 -9.71 -3.88 21.21
C ILE B 85 -11.05 -4.56 20.91
N VAL B 86 -12.00 -3.78 20.40
CA VAL B 86 -13.31 -4.31 20.08
C VAL B 86 -13.43 -4.78 18.62
N GLN B 87 -13.85 -6.02 18.42
CA GLN B 87 -14.04 -6.53 17.06
C GLN B 87 -15.50 -6.27 16.72
N LEU B 88 -15.73 -5.51 15.66
CA LEU B 88 -17.09 -5.16 15.25
C LEU B 88 -17.76 -6.30 14.50
N ASP B 89 -19.08 -6.25 14.44
CA ASP B 89 -19.85 -7.27 13.76
C ASP B 89 -19.47 -7.33 12.28
N PRO B 90 -19.12 -8.53 11.78
CA PRO B 90 -18.74 -8.73 10.38
C PRO B 90 -19.80 -8.26 9.38
N ALA B 91 -21.05 -8.24 9.81
CA ALA B 91 -22.16 -7.82 8.95
C ALA B 91 -21.97 -6.38 8.49
N LEU B 92 -21.07 -5.66 9.16
CA LEU B 92 -20.77 -4.28 8.83
C LEU B 92 -19.84 -4.19 7.61
N ASP B 93 -19.22 -5.31 7.24
CA ASP B 93 -18.30 -5.36 6.11
C ASP B 93 -18.16 -6.83 5.67
N PRO B 94 -19.22 -7.39 5.05
CA PRO B 94 -19.25 -8.78 4.57
C PRO B 94 -18.05 -9.22 3.73
N GLY B 95 -17.63 -10.45 3.95
CA GLY B 95 -16.52 -11.03 3.21
C GLY B 95 -15.17 -10.62 3.76
N HIS B 96 -15.16 -10.02 4.95
CA HIS B 96 -13.90 -9.58 5.55
C HIS B 96 -13.94 -9.91 7.05
N PRO B 97 -12.75 -10.01 7.70
CA PRO B 97 -12.75 -10.29 9.13
C PRO B 97 -13.33 -9.04 9.78
N PRO B 98 -13.57 -9.07 11.09
CA PRO B 98 -14.15 -7.93 11.84
C PRO B 98 -13.37 -6.63 11.77
N LEU B 99 -14.11 -5.52 11.69
CA LEU B 99 -13.49 -4.19 11.70
C LEU B 99 -13.03 -4.01 13.14
N LEU B 100 -12.29 -2.94 13.40
CA LEU B 100 -11.73 -2.68 14.72
C LEU B 100 -12.18 -1.37 15.36
N GLN B 101 -12.27 -1.36 16.68
CA GLN B 101 -12.65 -0.17 17.43
C GLN B 101 -11.85 -0.12 18.74
N ILE B 102 -11.21 1.02 18.99
CA ILE B 102 -10.41 1.23 20.18
C ILE B 102 -11.15 2.20 21.08
N ARG B 103 -11.53 1.76 22.27
CA ARG B 103 -12.30 2.59 23.20
C ARG B 103 -11.66 2.81 24.57
N SER B 104 -10.42 2.37 24.75
CA SER B 104 -9.75 2.51 26.04
C SER B 104 -8.25 2.68 25.91
N ALA B 105 -7.62 3.15 26.98
CA ALA B 105 -6.17 3.34 26.99
C ALA B 105 -5.49 1.98 26.83
N GLU B 106 -6.04 0.97 27.50
CA GLU B 106 -5.52 -0.39 27.45
C GLU B 106 -5.48 -0.87 25.99
N ALA B 107 -6.58 -0.67 25.26
CA ALA B 107 -6.63 -1.10 23.87
C ALA B 107 -5.68 -0.28 23.00
N LEU B 108 -5.63 1.03 23.24
CA LEU B 108 -4.76 1.91 22.47
C LEU B 108 -3.29 1.49 22.63
N VAL B 109 -2.85 1.32 23.88
CA VAL B 109 -1.48 0.92 24.17
C VAL B 109 -1.24 -0.50 23.64
N GLY B 110 -2.26 -1.34 23.75
CA GLY B 110 -2.14 -2.71 23.25
C GLY B 110 -1.86 -2.68 21.76
N ALA B 111 -2.50 -1.75 21.03
CA ALA B 111 -2.28 -1.63 19.59
C ALA B 111 -0.82 -1.29 19.32
N VAL B 112 -0.27 -0.37 20.11
CA VAL B 112 1.13 0.04 19.96
C VAL B 112 2.04 -1.16 20.24
N GLN B 113 1.68 -1.94 21.25
CA GLN B 113 2.46 -3.13 21.60
C GLN B 113 2.54 -4.04 20.39
N MET B 114 1.49 -4.04 19.59
CA MET B 114 1.49 -4.90 18.41
C MET B 114 1.97 -4.22 17.12
N GLY B 115 2.72 -3.13 17.28
CA GLY B 115 3.27 -2.45 16.12
C GLY B 115 2.59 -1.20 15.62
N SER B 116 1.44 -0.85 16.17
CA SER B 116 0.74 0.35 15.70
C SER B 116 1.48 1.66 15.98
N ILE B 117 1.52 2.53 14.96
CA ILE B 117 2.17 3.82 15.11
C ILE B 117 1.13 4.92 14.85
N GLU B 118 0.30 4.73 13.82
CA GLU B 118 -0.75 5.69 13.46
C GLU B 118 -2.15 5.11 13.55
N PHE B 119 -3.12 5.98 13.87
CA PHE B 119 -4.52 5.59 13.97
C PHE B 119 -5.35 6.49 13.05
N HIS B 120 -6.14 5.88 12.18
CA HIS B 120 -6.99 6.60 11.23
C HIS B 120 -8.44 6.19 11.43
N THR B 121 -9.34 7.16 11.52
CA THR B 121 -10.76 6.87 11.75
C THR B 121 -11.69 7.17 10.57
N TRP B 122 -12.83 6.51 10.58
CA TRP B 122 -13.89 6.66 9.58
C TRP B 122 -14.62 7.97 9.78
N ASN B 123 -15.31 8.42 8.73
CA ASN B 123 -16.09 9.64 8.80
C ASN B 123 -17.51 9.32 9.23
N ALA B 124 -17.63 8.31 10.08
CA ALA B 124 -18.91 7.87 10.62
C ALA B 124 -18.66 7.26 12.00
N SER B 125 -19.69 7.27 12.84
CA SER B 125 -19.57 6.73 14.17
C SER B 125 -20.47 5.49 14.29
N LEU B 126 -20.20 4.66 15.29
CA LEU B 126 -20.96 3.43 15.49
C LEU B 126 -22.47 3.62 15.64
N ALA B 127 -22.89 4.84 15.91
CA ALA B 127 -24.32 5.13 16.05
C ALA B 127 -25.02 4.77 14.74
N ASN B 128 -24.32 4.96 13.63
CA ASN B 128 -24.85 4.66 12.29
C ASN B 128 -23.71 4.73 11.27
N LEU B 129 -23.23 3.58 10.81
CA LEU B 129 -22.14 3.58 9.84
C LEU B 129 -22.63 3.70 8.41
N GLU B 130 -23.94 3.85 8.22
CA GLU B 130 -24.50 4.00 6.88
C GLU B 130 -24.74 5.47 6.54
N ARG B 131 -24.40 6.35 7.48
CA ARG B 131 -24.55 7.79 7.26
C ARG B 131 -23.38 8.51 7.92
N PRO B 132 -22.49 9.10 7.11
CA PRO B 132 -21.34 9.79 7.69
C PRO B 132 -21.71 10.98 8.56
N ASP B 133 -20.90 11.23 9.58
CA ASP B 133 -21.16 12.37 10.44
C ASP B 133 -20.16 13.51 10.21
N ARG B 134 -19.51 13.46 9.05
CA ARG B 134 -18.56 14.50 8.66
C ARG B 134 -17.91 14.17 7.32
N PHE B 135 -17.24 15.16 6.75
CA PHE B 135 -16.51 14.93 5.53
C PHE B 135 -15.18 15.60 5.79
N VAL B 136 -14.15 15.20 5.05
CA VAL B 136 -12.83 15.77 5.25
C VAL B 136 -12.28 16.34 3.95
N LEU B 137 -11.60 17.48 4.07
CA LEU B 137 -10.96 18.12 2.94
C LEU B 137 -9.48 18.06 3.31
N ASP B 138 -8.70 17.35 2.50
CA ASP B 138 -7.27 17.19 2.75
C ASP B 138 -6.50 18.01 1.72
N LEU B 139 -5.80 19.05 2.18
CA LEU B 139 -5.02 19.90 1.27
C LEU B 139 -3.62 19.35 1.04
N ASP B 140 -3.37 18.86 -0.17
CA ASP B 140 -2.07 18.31 -0.57
C ASP B 140 -1.35 19.25 -1.51
N PRO B 141 -0.25 19.85 -1.04
CA PRO B 141 0.54 20.78 -1.83
C PRO B 141 1.69 20.16 -2.61
N ASP B 142 2.21 20.92 -3.55
CA ASP B 142 3.35 20.48 -4.34
C ASP B 142 4.53 20.59 -3.37
N PRO B 143 5.36 19.55 -3.28
CA PRO B 143 6.53 19.53 -2.39
C PRO B 143 7.44 20.76 -2.48
N ALA B 144 7.40 21.46 -3.61
CA ALA B 144 8.24 22.63 -3.81
C ALA B 144 7.47 23.91 -3.54
N LEU B 145 6.21 23.78 -3.16
CA LEU B 145 5.37 24.96 -2.91
C LEU B 145 5.66 25.57 -1.54
N PRO B 146 5.85 26.91 -1.50
CA PRO B 146 6.14 27.62 -0.26
C PRO B 146 5.04 27.38 0.79
N TRP B 147 5.46 27.16 2.04
CA TRP B 147 4.51 26.91 3.12
C TRP B 147 3.44 28.01 3.21
N LYS B 148 3.81 29.25 2.92
CA LYS B 148 2.85 30.34 2.98
C LYS B 148 1.67 30.08 2.05
N ARG B 149 1.91 29.30 1.00
CA ARG B 149 0.85 28.97 0.05
C ARG B 149 -0.22 28.15 0.73
N MET B 150 0.19 27.21 1.57
CA MET B 150 -0.78 26.37 2.26
C MET B 150 -1.58 27.21 3.20
N LEU B 151 -0.92 28.13 3.89
CA LEU B 151 -1.63 28.99 4.83
C LEU B 151 -2.72 29.79 4.11
N GLU B 152 -2.36 30.40 2.99
CA GLU B 152 -3.32 31.19 2.22
C GLU B 152 -4.44 30.32 1.67
N ALA B 153 -4.09 29.14 1.20
CA ALA B 153 -5.08 28.22 0.63
C ALA B 153 -6.07 27.76 1.69
N THR B 154 -5.56 27.52 2.90
CA THR B 154 -6.42 27.06 3.99
C THR B 154 -7.36 28.21 4.40
N GLN B 155 -6.86 29.44 4.43
CA GLN B 155 -7.70 30.57 4.78
C GLN B 155 -8.81 30.72 3.74
N LEU B 156 -8.45 30.60 2.46
CA LEU B 156 -9.44 30.73 1.39
C LEU B 156 -10.49 29.61 1.47
N SER B 157 -10.05 28.40 1.79
CA SER B 157 -10.98 27.28 1.90
C SER B 157 -11.98 27.55 3.02
N LEU B 158 -11.49 28.07 4.13
CA LEU B 158 -12.35 28.39 5.26
C LEU B 158 -13.35 29.47 4.89
N THR B 159 -12.92 30.45 4.11
CA THR B 159 -13.80 31.53 3.69
C THR B 159 -14.99 30.99 2.91
N LEU B 160 -14.74 30.01 2.06
CA LEU B 160 -15.79 29.40 1.27
C LEU B 160 -16.75 28.66 2.21
N LEU B 161 -16.20 27.93 3.17
CA LEU B 161 -17.04 27.20 4.10
C LEU B 161 -17.93 28.18 4.87
N ASP B 162 -17.39 29.35 5.21
CA ASP B 162 -18.18 30.35 5.93
C ASP B 162 -19.33 30.84 5.05
N GLU B 163 -19.05 31.03 3.76
CA GLU B 163 -20.05 31.47 2.80
C GLU B 163 -21.17 30.43 2.71
N LEU B 164 -20.79 29.16 2.79
CA LEU B 164 -21.74 28.07 2.72
C LEU B 164 -22.49 27.92 4.04
N GLY B 165 -21.93 28.47 5.12
CA GLY B 165 -22.58 28.37 6.42
C GLY B 165 -22.21 27.08 7.13
N LEU B 166 -21.00 26.59 6.91
CA LEU B 166 -20.55 25.36 7.57
C LEU B 166 -19.35 25.60 8.49
N ARG B 167 -19.45 25.08 9.70
CA ARG B 167 -18.37 25.21 10.69
C ARG B 167 -17.32 24.15 10.36
N ALA B 168 -16.06 24.54 10.34
CA ALA B 168 -14.97 23.60 10.05
C ALA B 168 -13.96 23.55 11.18
N PHE B 169 -13.29 22.42 11.32
CA PHE B 169 -12.29 22.24 12.36
C PHE B 169 -10.97 21.84 11.72
N LEU B 170 -9.96 22.67 11.96
CA LEU B 170 -8.63 22.49 11.39
C LEU B 170 -7.61 21.75 12.23
N LYS B 171 -6.72 21.05 11.56
CA LYS B 171 -5.62 20.38 12.26
C LYS B 171 -4.49 20.18 11.27
N THR B 172 -3.26 20.18 11.77
CA THR B 172 -2.13 19.91 10.89
C THR B 172 -2.23 18.42 10.66
N SER B 173 -1.72 17.93 9.55
CA SER B 173 -1.75 16.49 9.25
C SER B 173 -0.56 15.79 9.88
N GLY B 174 0.44 16.59 10.23
CA GLY B 174 1.66 16.03 10.81
C GLY B 174 2.60 15.75 9.66
N GLY B 175 2.10 15.96 8.44
CA GLY B 175 2.91 15.71 7.26
C GLY B 175 3.30 16.95 6.49
N LYS B 176 2.58 17.22 5.41
CA LYS B 176 2.89 18.37 4.57
C LYS B 176 1.71 19.32 4.36
N GLY B 177 0.52 18.94 4.82
CA GLY B 177 -0.63 19.80 4.61
C GLY B 177 -1.57 20.00 5.79
N MET B 178 -2.75 20.52 5.53
CA MET B 178 -3.73 20.76 6.58
C MET B 178 -5.00 19.97 6.31
N HIS B 179 -5.68 19.56 7.39
CA HIS B 179 -6.92 18.81 7.29
C HIS B 179 -8.09 19.66 7.82
N LEU B 180 -9.19 19.65 7.08
CA LEU B 180 -10.40 20.36 7.44
C LEU B 180 -11.50 19.32 7.66
N LEU B 181 -12.06 19.29 8.87
CA LEU B 181 -13.13 18.37 9.21
C LEU B 181 -14.42 19.15 9.37
N VAL B 182 -15.45 18.75 8.64
CA VAL B 182 -16.74 19.42 8.71
C VAL B 182 -17.81 18.47 9.18
N PRO B 183 -18.28 18.64 10.42
CA PRO B 183 -19.33 17.78 10.98
C PRO B 183 -20.62 17.89 10.18
N LEU B 184 -21.40 16.81 10.17
CA LEU B 184 -22.67 16.74 9.46
C LEU B 184 -23.67 15.87 10.19
N GLU B 185 -24.89 16.35 10.33
CA GLU B 185 -25.94 15.56 10.97
C GLU B 185 -26.09 14.32 10.10
N ARG B 186 -26.51 13.21 10.71
CA ARG B 186 -26.66 11.93 10.00
C ARG B 186 -27.97 11.87 9.22
N ARG B 187 -28.02 12.61 8.13
CA ARG B 187 -29.22 12.70 7.31
C ARG B 187 -28.87 12.50 5.84
N HIS B 188 -27.61 12.20 5.57
CA HIS B 188 -27.15 12.03 4.19
C HIS B 188 -26.52 10.67 3.97
N GLY B 189 -26.40 10.28 2.70
CA GLY B 189 -25.78 9.01 2.38
C GLY B 189 -24.31 9.29 2.08
N TRP B 190 -23.51 8.24 1.93
CA TRP B 190 -22.09 8.41 1.63
C TRP B 190 -21.82 9.09 0.29
N ASP B 191 -22.46 8.62 -0.78
CA ASP B 191 -22.23 9.22 -2.10
C ASP B 191 -22.63 10.69 -2.12
N GLU B 192 -23.68 11.02 -1.38
CA GLU B 192 -24.20 12.38 -1.30
C GLU B 192 -23.14 13.29 -0.69
N VAL B 193 -22.57 12.86 0.42
CA VAL B 193 -21.55 13.66 1.09
C VAL B 193 -20.27 13.73 0.26
N LYS B 194 -19.91 12.63 -0.37
CA LYS B 194 -18.72 12.59 -1.20
C LYS B 194 -18.87 13.57 -2.37
N ASP B 195 -20.04 13.57 -3.00
CA ASP B 195 -20.27 14.48 -4.12
C ASP B 195 -20.20 15.93 -3.68
N PHE B 196 -20.70 16.22 -2.48
CA PHE B 196 -20.69 17.57 -1.94
C PHE B 196 -19.24 18.02 -1.72
N ALA B 197 -18.43 17.14 -1.13
CA ALA B 197 -17.03 17.44 -0.87
C ALA B 197 -16.32 17.69 -2.21
N GLN B 198 -16.63 16.86 -3.21
CA GLN B 198 -16.03 17.02 -4.52
C GLN B 198 -16.45 18.36 -5.13
N ALA B 199 -17.70 18.74 -4.92
CA ALA B 199 -18.22 20.01 -5.43
C ALA B 199 -17.44 21.18 -4.85
N ILE B 200 -17.03 21.07 -3.59
CA ILE B 200 -16.27 22.13 -2.93
C ILE B 200 -14.88 22.23 -3.55
N SER B 201 -14.24 21.08 -3.74
CA SER B 201 -12.91 21.04 -4.34
C SER B 201 -12.96 21.65 -5.76
N GLN B 202 -13.94 21.24 -6.55
CA GLN B 202 -14.06 21.76 -7.91
C GLN B 202 -14.37 23.26 -7.93
N HIS B 203 -15.11 23.72 -6.94
CA HIS B 203 -15.49 25.13 -6.83
C HIS B 203 -14.24 25.98 -6.57
N LEU B 204 -13.41 25.52 -5.65
CA LEU B 204 -12.19 26.22 -5.31
C LEU B 204 -11.25 26.24 -6.53
N ALA B 205 -11.16 25.12 -7.22
CA ALA B 205 -10.31 25.02 -8.40
C ALA B 205 -10.81 25.89 -9.55
N ARG B 206 -12.12 25.99 -9.68
CA ARG B 206 -12.72 26.79 -10.73
C ARG B 206 -12.46 28.30 -10.50
N LEU B 207 -12.63 28.75 -9.26
CA LEU B 207 -12.42 30.16 -8.95
C LEU B 207 -10.95 30.57 -8.87
N MET B 208 -10.10 29.68 -8.36
CA MET B 208 -8.68 29.98 -8.19
C MET B 208 -7.82 28.85 -8.73
N PRO B 209 -7.83 28.63 -10.05
CA PRO B 209 -7.03 27.55 -10.64
C PRO B 209 -5.54 27.65 -10.39
N GLU B 210 -5.02 28.86 -10.19
CA GLU B 210 -3.60 29.00 -9.94
C GLU B 210 -3.18 28.47 -8.57
N ARG B 211 -4.15 28.39 -7.66
CA ARG B 211 -3.90 27.92 -6.30
C ARG B 211 -4.42 26.51 -6.03
N PHE B 212 -5.56 26.17 -6.62
CA PHE B 212 -6.20 24.89 -6.39
C PHE B 212 -6.38 23.96 -7.59
N SER B 213 -6.42 22.67 -7.29
CA SER B 213 -6.63 21.61 -8.25
C SER B 213 -7.70 20.69 -7.66
N ALA B 214 -8.60 20.18 -8.50
CA ALA B 214 -9.65 19.28 -8.02
C ALA B 214 -9.44 17.87 -8.58
N VAL B 215 -8.26 17.65 -9.16
CA VAL B 215 -7.90 16.35 -9.75
C VAL B 215 -6.70 15.76 -9.00
N SER B 216 -6.87 14.53 -8.52
CA SER B 216 -5.81 13.85 -7.76
C SER B 216 -4.57 13.56 -8.59
N GLY B 217 -3.48 13.23 -7.89
CA GLY B 217 -2.24 12.91 -8.57
C GLY B 217 -1.26 14.06 -8.60
N PRO B 218 -0.01 13.82 -8.19
CA PRO B 218 1.04 14.84 -8.17
C PRO B 218 1.15 15.56 -9.52
N ARG B 219 0.92 14.82 -10.61
CA ARG B 219 1.01 15.40 -11.94
C ARG B 219 -0.14 16.34 -12.25
N ASN B 220 -1.11 16.40 -11.35
CA ASN B 220 -2.26 17.27 -11.53
C ASN B 220 -2.31 18.42 -10.53
N ARG B 221 -1.18 18.68 -9.86
CA ARG B 221 -1.12 19.78 -8.89
C ARG B 221 0.26 20.44 -8.83
N VAL B 222 0.97 20.44 -9.96
CA VAL B 222 2.29 21.05 -10.04
C VAL B 222 2.22 22.54 -9.72
N GLY B 223 2.90 22.95 -8.66
CA GLY B 223 2.92 24.34 -8.27
C GLY B 223 1.65 24.79 -7.57
N LYS B 224 0.80 23.85 -7.18
CA LYS B 224 -0.43 24.20 -6.50
C LYS B 224 -0.86 23.22 -5.42
N ILE B 225 -2.12 23.31 -5.01
CA ILE B 225 -2.64 22.44 -3.95
C ILE B 225 -3.88 21.69 -4.37
N PHE B 226 -3.90 20.40 -4.09
CA PHE B 226 -5.05 19.57 -4.42
C PHE B 226 -5.92 19.45 -3.17
N VAL B 227 -7.21 19.76 -3.33
CA VAL B 227 -8.16 19.66 -2.24
C VAL B 227 -8.72 18.25 -2.33
N ASP B 228 -8.10 17.33 -1.57
CA ASP B 228 -8.51 15.93 -1.59
C ASP B 228 -9.83 15.67 -0.92
N TYR B 229 -10.79 15.20 -1.71
CA TYR B 229 -12.14 14.89 -1.27
C TYR B 229 -12.37 13.37 -1.38
N LEU B 230 -11.35 12.66 -1.84
CA LEU B 230 -11.42 11.22 -2.06
C LEU B 230 -11.63 10.29 -0.86
N ARG B 231 -11.22 10.73 0.33
CA ARG B 231 -11.38 9.88 1.51
C ARG B 231 -12.74 10.01 2.19
N ASN B 232 -13.74 10.44 1.44
CA ASN B 232 -15.07 10.60 1.99
C ASN B 232 -16.00 9.48 1.51
N SER B 233 -15.56 8.24 1.65
CA SER B 233 -16.36 7.10 1.26
C SER B 233 -16.38 6.15 2.44
N ARG B 234 -17.37 5.26 2.47
CA ARG B 234 -17.48 4.31 3.56
C ARG B 234 -16.23 3.42 3.63
N GLY B 235 -15.64 3.30 4.83
CA GLY B 235 -14.47 2.48 4.99
C GLY B 235 -13.14 3.22 4.88
N ALA B 236 -13.17 4.38 4.23
CA ALA B 236 -11.98 5.19 4.09
C ALA B 236 -11.77 5.87 5.44
N SER B 237 -10.60 6.46 5.65
CA SER B 237 -10.31 7.10 6.92
C SER B 237 -9.25 8.20 6.78
N THR B 238 -9.11 8.99 7.84
CA THR B 238 -8.12 10.06 7.87
C THR B 238 -7.45 9.97 9.24
N VAL B 239 -6.17 10.32 9.31
CA VAL B 239 -5.43 10.25 10.57
C VAL B 239 -6.18 10.99 11.67
N ALA B 240 -6.27 10.36 12.83
CA ALA B 240 -6.98 10.97 13.96
C ALA B 240 -6.22 12.10 14.59
N ALA B 241 -6.95 13.07 15.11
CA ALA B 241 -6.32 14.20 15.78
C ALA B 241 -5.55 13.64 16.97
N TYR B 242 -4.34 14.17 17.16
CA TYR B 242 -3.38 13.81 18.23
C TYR B 242 -2.65 12.50 17.98
N SER B 243 -2.83 11.94 16.80
CA SER B 243 -2.16 10.71 16.49
C SER B 243 -0.78 10.98 15.91
N VAL B 244 0.16 10.08 16.19
CA VAL B 244 1.53 10.22 15.70
C VAL B 244 1.61 9.74 14.25
N ARG B 245 2.52 10.31 13.48
CA ARG B 245 2.75 9.92 12.09
C ARG B 245 4.07 9.13 12.03
N ALA B 246 4.08 8.06 11.23
CA ALA B 246 5.27 7.22 11.06
C ALA B 246 6.25 7.89 10.11
N ARG B 247 6.79 9.03 10.55
CA ARG B 247 7.73 9.82 9.77
C ARG B 247 8.81 10.40 10.68
N GLU B 248 9.89 10.87 10.08
CA GLU B 248 11.02 11.43 10.83
C GLU B 248 10.57 12.43 11.88
N GLY B 249 11.03 12.23 13.11
CA GLY B 249 10.68 13.14 14.18
C GLY B 249 9.36 12.81 14.86
N LEU B 250 8.67 11.81 14.34
CA LEU B 250 7.37 11.38 14.85
C LEU B 250 6.44 12.56 15.11
N PRO B 251 6.13 13.33 14.04
CA PRO B 251 5.23 14.48 14.19
C PRO B 251 3.82 14.01 14.54
N VAL B 252 3.01 14.92 15.06
CA VAL B 252 1.64 14.61 15.46
C VAL B 252 0.64 15.47 14.71
N SER B 253 -0.54 14.92 14.43
CA SER B 253 -1.60 15.68 13.76
C SER B 253 -2.27 16.48 14.88
N VAL B 254 -2.13 17.81 14.83
CA VAL B 254 -2.65 18.67 15.90
C VAL B 254 -3.75 19.68 15.55
N PRO B 255 -4.86 19.65 16.32
CA PRO B 255 -5.98 20.56 16.11
C PRO B 255 -5.49 21.98 16.39
N VAL B 256 -5.90 22.93 15.58
CA VAL B 256 -5.48 24.32 15.77
C VAL B 256 -6.65 25.27 15.62
N PHE B 257 -6.54 26.41 16.30
CA PHE B 257 -7.55 27.46 16.24
C PHE B 257 -7.37 28.18 14.91
N ARG B 258 -8.47 28.64 14.33
CA ARG B 258 -8.42 29.35 13.07
C ARG B 258 -7.58 30.62 13.26
N GLU B 259 -7.54 31.14 14.48
CA GLU B 259 -6.79 32.35 14.78
C GLU B 259 -5.28 32.18 14.81
N GLU B 260 -4.80 30.95 14.97
CA GLU B 260 -3.36 30.73 15.01
C GLU B 260 -2.83 30.18 13.69
N LEU B 261 -3.72 30.02 12.72
CA LEU B 261 -3.34 29.50 11.42
C LEU B 261 -2.17 30.26 10.78
N ASP B 262 -2.28 31.58 10.71
CA ASP B 262 -1.22 32.36 10.09
C ASP B 262 0.10 32.32 10.85
N SER B 263 0.09 31.87 12.09
CA SER B 263 1.32 31.79 12.87
C SER B 263 1.99 30.42 12.74
N LEU B 264 1.33 29.47 12.09
CA LEU B 264 1.91 28.13 11.92
C LEU B 264 3.09 28.17 10.96
N GLN B 265 4.11 27.37 11.25
CA GLN B 265 5.29 27.32 10.40
C GLN B 265 5.42 26.05 9.56
N GLY B 266 4.72 24.99 9.95
CA GLY B 266 4.79 23.75 9.21
C GLY B 266 3.73 22.74 9.63
N ALA B 267 3.41 21.78 8.76
CA ALA B 267 2.41 20.78 9.09
C ALA B 267 2.92 19.77 10.10
N ASN B 268 4.24 19.72 10.26
CA ASN B 268 4.88 18.79 11.17
C ASN B 268 5.58 19.51 12.32
N GLN B 269 5.17 20.75 12.59
CA GLN B 269 5.82 21.50 13.66
C GLN B 269 5.69 20.90 15.06
N TRP B 270 4.69 20.04 15.27
CA TRP B 270 4.54 19.41 16.57
C TRP B 270 4.91 17.93 16.49
N ASN B 271 5.60 17.43 17.51
CA ASN B 271 5.99 16.01 17.50
C ASN B 271 5.66 15.33 18.81
N LEU B 272 5.98 14.04 18.89
CA LEU B 272 5.73 13.23 20.07
C LEU B 272 6.17 13.88 21.39
N ARG B 273 7.31 14.54 21.35
CA ARG B 273 7.85 15.15 22.56
C ARG B 273 7.49 16.61 22.81
N SER B 274 6.94 17.28 21.80
CA SER B 274 6.58 18.68 21.96
C SER B 274 5.11 18.86 22.32
N LEU B 275 4.35 17.77 22.31
CA LEU B 275 2.93 17.85 22.64
C LEU B 275 2.69 18.38 24.06
N PRO B 276 3.54 17.98 25.04
CA PRO B 276 3.36 18.45 26.41
C PRO B 276 3.37 19.98 26.48
N GLN B 277 4.27 20.61 25.72
CA GLN B 277 4.38 22.06 25.70
C GLN B 277 3.15 22.71 25.06
N ARG B 278 2.62 22.07 24.02
CA ARG B 278 1.43 22.56 23.35
C ARG B 278 0.28 22.62 24.37
N LEU B 279 0.09 21.52 25.10
CA LEU B 279 -0.98 21.48 26.10
C LEU B 279 -0.80 22.58 27.15
N ASP B 280 0.45 22.85 27.51
CA ASP B 280 0.73 23.89 28.50
C ASP B 280 0.30 25.25 27.99
N GLU B 281 0.70 25.56 26.75
CA GLU B 281 0.36 26.84 26.14
C GLU B 281 -1.15 27.01 25.93
N LEU B 282 -1.86 25.92 25.69
CA LEU B 282 -3.31 26.00 25.49
C LEU B 282 -3.97 26.31 26.83
N ALA B 283 -3.35 25.83 27.90
CA ALA B 283 -3.85 26.05 29.26
C ALA B 283 -5.35 25.82 29.40
N GLY B 284 -5.81 24.64 29.00
CA GLY B 284 -7.23 24.34 29.12
C GLY B 284 -8.06 24.62 27.88
N ASP B 285 -7.59 25.52 27.02
CA ASP B 285 -8.34 25.86 25.80
C ASP B 285 -8.26 24.73 24.80
N ASP B 286 -9.41 24.39 24.20
CA ASP B 286 -9.48 23.32 23.23
C ASP B 286 -9.89 23.86 21.86
N PRO B 287 -9.00 23.73 20.85
CA PRO B 287 -9.26 24.20 19.49
C PRO B 287 -10.55 23.65 18.89
N TRP B 288 -10.86 22.40 19.23
CA TRP B 288 -12.06 21.73 18.71
C TRP B 288 -13.19 21.61 19.75
N ALA B 289 -13.20 22.53 20.71
CA ALA B 289 -14.21 22.51 21.77
C ALA B 289 -15.65 22.49 21.24
N ASP B 290 -15.89 23.19 20.13
CA ASP B 290 -17.24 23.25 19.56
C ASP B 290 -17.62 22.12 18.63
N TYR B 291 -16.70 21.19 18.38
CA TYR B 291 -16.96 20.07 17.48
C TYR B 291 -18.19 19.26 17.88
N ALA B 292 -18.13 18.62 19.05
CA ALA B 292 -19.22 17.78 19.53
C ALA B 292 -20.61 18.40 19.42
N GLY B 293 -20.72 19.69 19.77
CA GLY B 293 -22.00 20.36 19.72
C GLY B 293 -22.43 20.94 18.38
N THR B 294 -21.60 20.78 17.36
CA THR B 294 -21.95 21.32 16.05
C THR B 294 -23.05 20.52 15.37
N ARG B 295 -24.11 21.21 14.95
CA ARG B 295 -25.24 20.57 14.28
C ARG B 295 -25.51 21.30 12.96
N GLN B 296 -25.15 20.66 11.87
CA GLN B 296 -25.33 21.24 10.54
C GLN B 296 -25.59 20.18 9.49
N ARG B 297 -26.22 20.58 8.39
CA ARG B 297 -26.53 19.64 7.32
C ARG B 297 -26.38 20.31 5.96
N ILE B 298 -26.35 19.52 4.89
CA ILE B 298 -26.22 20.07 3.55
C ILE B 298 -27.60 20.54 3.08
N SER B 299 -27.71 21.81 2.71
CA SER B 299 -28.98 22.35 2.25
C SER B 299 -29.00 22.56 0.75
N ALA B 300 -30.18 22.82 0.21
CA ALA B 300 -30.33 23.07 -1.23
C ALA B 300 -29.58 24.33 -1.61
N ALA B 301 -29.65 25.34 -0.73
CA ALA B 301 -28.98 26.61 -0.96
C ALA B 301 -27.48 26.41 -1.09
N MET B 302 -26.93 25.52 -0.27
CA MET B 302 -25.51 25.22 -0.32
C MET B 302 -25.11 24.65 -1.67
N ARG B 303 -25.88 23.69 -2.18
CA ARG B 303 -25.58 23.10 -3.47
C ARG B 303 -25.69 24.15 -4.57
N ARG B 304 -26.61 25.09 -4.38
CA ARG B 304 -26.80 26.17 -5.34
C ARG B 304 -25.57 27.07 -5.40
N GLN B 305 -24.99 27.36 -4.24
CA GLN B 305 -23.82 28.21 -4.18
C GLN B 305 -22.62 27.54 -4.84
N LEU B 306 -22.70 26.21 -5.00
CA LEU B 306 -21.61 25.46 -5.61
C LEU B 306 -21.97 25.04 -7.04
MN MN C . 0.20 -6.07 -13.97
MN MN D . 2.19 -2.81 -13.24
S SO4 E . -0.67 -17.27 13.03
O1 SO4 E . -0.69 -17.72 11.63
O2 SO4 E . 0.43 -16.32 13.22
O3 SO4 E . -0.49 -18.42 13.93
O4 SO4 E . -1.95 -16.59 13.34
S SO4 F . -2.80 10.56 -13.76
O1 SO4 F . -2.10 11.53 -14.63
O2 SO4 F . -2.75 11.04 -12.36
O3 SO4 F . -2.14 9.25 -13.84
O4 SO4 F . -4.21 10.44 -14.19
PG ATP G . -1.90 -7.95 -12.26
O1G ATP G . -1.56 -6.55 -12.60
O2G ATP G . -3.30 -7.97 -11.51
O3G ATP G . -2.00 -8.84 -13.59
PB ATP G . 0.66 -7.97 -11.33
O1B ATP G . 1.07 -7.83 -12.74
O2B ATP G . 1.70 -8.96 -10.59
O3B ATP G . -0.82 -8.61 -11.23
PA ATP G . 0.32 -6.49 -9.07
O1A ATP G . -0.66 -5.40 -8.82
O2A ATP G . -0.30 -7.89 -8.59
O3A ATP G . 0.72 -6.50 -10.66
O5' ATP G . 1.65 -6.21 -8.22
C5' ATP G . 2.17 -4.93 -8.60
C4' ATP G . 3.65 -4.79 -8.30
O4' ATP G . 3.86 -3.71 -7.35
C3' ATP G . 4.25 -6.09 -7.67
O3' ATP G . 5.19 -6.71 -8.56
C2' ATP G . 4.89 -5.66 -6.35
O2' ATP G . 6.32 -5.83 -6.37
C1' ATP G . 4.49 -4.19 -6.13
N9 ATP G . 3.56 -4.03 -4.98
C8 ATP G . 2.54 -4.87 -4.60
N7 ATP G . 1.94 -4.42 -3.54
C5 ATP G . 2.52 -3.26 -3.16
C6 ATP G . 2.33 -2.32 -2.10
N6 ATP G . 1.33 -2.52 -1.17
N1 ATP G . 3.13 -1.23 -2.02
C2 ATP G . 4.12 -1.03 -2.91
N3 ATP G . 4.33 -1.89 -3.92
C4 ATP G . 3.59 -2.99 -4.07
MN MN H . -2.65 15.00 2.62
MN MN I . -4.88 13.07 0.10
S SO4 J . 7.85 -6.85 18.80
O1 SO4 J . 6.62 -7.50 18.27
O2 SO4 J . 8.95 -7.06 17.86
O3 SO4 J . 8.19 -7.46 20.10
O4 SO4 J . 7.59 -5.41 18.97
PG ATP K . 0.20 14.41 4.16
O1G ATP K . -0.47 14.27 2.86
O2G ATP K . 1.77 14.12 3.96
O3G ATP K . 0.00 15.88 4.75
PB ATP K . -1.92 12.94 5.05
O1B ATP K . -2.69 14.15 4.71
O2B ATP K . -2.46 12.33 6.43
O3B ATP K . -0.35 13.30 5.24
PA ATP K . -1.37 10.47 4.09
O1A ATP K . -0.65 10.09 2.85
O2A ATP K . -0.33 10.55 5.31
O3A ATP K . -2.13 11.89 3.83
O5' ATP K . -2.51 9.37 4.44
C5' ATP K . -3.34 9.23 3.31
C4' ATP K . -4.59 8.41 3.58
O4' ATP K . -4.54 7.20 2.75
C3' ATP K . -4.68 7.93 5.04
O3' ATP K . -5.56 8.78 5.81
C2' ATP K . -5.20 6.49 4.98
O2' ATP K . -6.59 6.42 5.31
C1' ATP K . -4.89 6.03 3.55
N9 ATP K . -3.81 5.04 3.48
C8 ATP K . -2.62 5.05 4.19
N7 ATP K . -1.89 4.02 3.88
C5 ATP K . -2.55 3.27 2.96
C6 ATP K . -2.26 2.07 2.25
N6 ATP K . -1.08 1.39 2.45
N1 ATP K . -3.18 1.59 1.37
C2 ATP K . -4.33 2.23 1.15
N3 ATP K . -4.64 3.36 1.79
C4 ATP K . -3.79 3.92 2.67
#